data_3F92
#
_entry.id   3F92
#
_cell.length_a   134.817
_cell.length_b   134.817
_cell.length_c   38.211
_cell.angle_alpha   90.000
_cell.angle_beta   90.000
_cell.angle_gamma   90.000
#
_symmetry.space_group_name_H-M   'I 4'
#
loop_
_entity.id
_entity.type
_entity.pdbx_description
1 polymer 'Ubiquitin-conjugating enzyme E2 K'
2 non-polymer 'TETRAETHYLENE GLYCOL'
3 non-polymer BETA-MERCAPTOETHANOL
4 non-polymer 2-AMINO-2-HYDROXYMETHYL-PROPANE-1,3-DIOL
5 non-polymer 'CALCIUM ION'
6 water water
#
_entity_poly.entity_id   1
_entity_poly.type   'polypeptide(L)'
_entity_poly.pdbx_seq_one_letter_code
;MHHHHHHSSGLVPRGSGMKETAAAKFERQHMDSPDLGTDDDDKAMADIGSEFDMANIAVQRIKREFKEVLKSEETSKNQI
KVDLVDENFTELRGEIAGPPDTPYEGGRYQLEIKIPETYPFNPPKVRFITKIWHPNISSVTGAICLDILKDQWAAAMTLR
TVLLSLQALLAAAEPDDPQDAVVANQYKQNPEMFKQTARLWAHVYAGAPVSSPEYTKKIENLCAAGFDRNAVIVALSSKS
WDVETATELLLSN
;
_entity_poly.pdbx_strand_id   A
#
# COMPACT_ATOMS: atom_id res chain seq x y z
CA PHE A 52 24.79 10.67 8.26
C PHE A 52 26.27 10.46 8.01
N ASP A 53 26.80 11.15 6.99
CA ASP A 53 26.05 12.04 6.09
C ASP A 53 26.02 11.51 4.60
N MET A 54 25.00 11.91 3.87
CA MET A 54 24.86 11.58 2.46
C MET A 54 25.58 12.74 1.76
N ALA A 55 25.84 12.61 0.46
CA ALA A 55 26.32 13.68 -0.38
C ALA A 55 25.39 14.94 -0.32
N ASN A 56 26.01 16.08 -0.50
CA ASN A 56 25.33 17.31 -0.46
C ASN A 56 24.13 17.41 -1.42
N ILE A 57 24.25 16.90 -2.64
CA ILE A 57 23.15 17.02 -3.60
C ILE A 57 21.96 16.23 -3.09
N ALA A 58 22.19 15.05 -2.49
CA ALA A 58 21.15 14.16 -1.93
C ALA A 58 20.49 14.87 -0.72
N VAL A 59 21.30 15.38 0.20
CA VAL A 59 20.82 16.09 1.41
C VAL A 59 19.97 17.30 1.14
N GLN A 60 20.42 18.13 0.23
CA GLN A 60 19.74 19.32 -0.11
C GLN A 60 18.44 19.02 -0.90
N ARG A 61 18.44 17.98 -1.76
CA ARG A 61 17.23 17.62 -2.44
C ARG A 61 16.18 17.12 -1.46
N ILE A 62 16.56 16.23 -0.54
CA ILE A 62 15.65 15.69 0.41
C ILE A 62 15.09 16.71 1.39
N LYS A 63 15.93 17.61 1.92
CA LYS A 63 15.45 18.68 2.80
C LYS A 63 14.46 19.53 2.06
N ARG A 64 14.76 19.82 0.80
CA ARG A 64 13.87 20.63 0.00
C ARG A 64 12.51 19.92 -0.33
N GLU A 65 12.52 18.61 -0.60
CA GLU A 65 11.27 17.91 -0.87
C GLU A 65 10.43 17.65 0.33
N PHE A 66 11.07 17.48 1.45
CA PHE A 66 10.45 17.28 2.74
C PHE A 66 9.70 18.57 3.17
N LYS A 67 10.36 19.72 3.06
CA LYS A 67 9.71 21.02 3.23
C LYS A 67 8.59 21.25 2.29
N GLU A 68 8.76 20.88 1.03
CA GLU A 68 7.70 20.99 0.05
C GLU A 68 6.47 20.16 0.44
N VAL A 69 6.64 18.92 0.89
CA VAL A 69 5.51 18.12 1.34
C VAL A 69 4.83 18.81 2.58
N LEU A 70 5.61 19.24 3.57
CA LEU A 70 5.10 20.00 4.75
C LEU A 70 4.18 21.20 4.44
N LYS A 71 4.61 22.02 3.48
CA LYS A 71 3.86 23.19 3.03
C LYS A 71 2.80 22.90 1.94
N SER A 72 2.64 21.67 1.47
CA SER A 72 1.81 21.44 0.32
C SER A 72 0.32 21.54 0.73
N GLU A 73 -0.53 21.89 -0.23
CA GLU A 73 -1.98 21.79 -0.08
C GLU A 73 -2.41 20.35 0.15
N GLU A 74 -1.86 19.42 -0.61
CA GLU A 74 -2.16 17.97 -0.38
C GLU A 74 -1.97 17.56 1.10
N THR A 75 -0.92 18.01 1.77
CA THR A 75 -0.75 17.63 3.20
CA THR A 75 -0.70 17.69 3.20
C THR A 75 -1.71 18.41 4.10
N SER A 76 -2.02 19.64 3.75
CA SER A 76 -3.01 20.35 4.58
C SER A 76 -4.46 19.81 4.36
N LYS A 77 -4.76 19.20 3.21
CA LYS A 77 -6.01 18.48 2.94
C LYS A 77 -5.94 17.04 3.48
N ASN A 78 -4.91 16.72 4.24
CA ASN A 78 -4.70 15.37 4.71
C ASN A 78 -4.59 14.22 3.71
N GLN A 79 -4.16 14.50 2.49
CA GLN A 79 -3.99 13.46 1.48
CA GLN A 79 -4.01 13.46 1.46
C GLN A 79 -2.65 12.71 1.55
N ILE A 80 -1.58 13.42 1.96
CA ILE A 80 -0.23 12.86 1.98
C ILE A 80 0.49 13.46 3.15
N LYS A 81 1.48 12.72 3.64
CA LYS A 81 2.49 13.23 4.52
C LYS A 81 3.76 12.38 4.59
N VAL A 82 4.79 13.02 5.09
CA VAL A 82 6.07 12.40 5.29
CA VAL A 82 6.08 12.43 5.27
C VAL A 82 6.57 12.72 6.68
N ASP A 83 7.25 11.76 7.27
CA ASP A 83 7.76 11.77 8.61
C ASP A 83 9.26 11.40 8.52
N LEU A 84 10.10 12.13 9.22
CA LEU A 84 11.51 11.79 9.30
C LEU A 84 11.67 10.65 10.26
N VAL A 85 12.26 9.57 9.82
CA VAL A 85 12.54 8.48 10.71
C VAL A 85 13.99 8.72 11.24
N ASP A 86 14.82 9.28 10.37
CA ASP A 86 16.26 9.30 10.52
C ASP A 86 16.84 10.72 10.38
N GLU A 87 17.56 11.19 11.41
CA GLU A 87 18.22 12.55 11.37
C GLU A 87 19.03 12.75 10.06
N ASN A 88 19.57 11.64 9.52
CA ASN A 88 20.35 11.50 8.27
C ASN A 88 19.62 11.69 6.91
N PHE A 89 18.28 11.65 6.93
CA PHE A 89 17.45 11.73 5.70
C PHE A 89 17.41 10.51 4.83
N THR A 90 17.98 9.41 5.27
CA THR A 90 18.06 8.18 4.45
C THR A 90 16.78 7.30 4.59
N GLU A 91 16.00 7.54 5.63
CA GLU A 91 14.83 6.74 5.87
C GLU A 91 13.69 7.65 6.27
N LEU A 92 12.57 7.49 5.56
CA LEU A 92 11.38 8.26 5.79
C LEU A 92 10.19 7.37 5.91
N ARG A 93 9.18 7.82 6.57
CA ARG A 93 7.92 7.17 6.56
C ARG A 93 6.89 8.10 5.88
N GLY A 94 6.22 7.60 4.83
CA GLY A 94 5.16 8.29 4.20
C GLY A 94 3.77 7.80 4.62
N GLU A 95 2.78 8.63 4.32
CA GLU A 95 1.40 8.26 4.52
C GLU A 95 0.58 8.88 3.41
N ILE A 96 -0.26 8.07 2.78
CA ILE A 96 -1.21 8.52 1.79
C ILE A 96 -2.65 8.09 2.19
N ALA A 97 -3.64 8.90 1.79
CA ALA A 97 -5.08 8.60 1.97
C ALA A 97 -5.58 7.85 0.73
N GLY A 98 -6.46 6.90 0.90
CA GLY A 98 -7.03 6.20 -0.23
C GLY A 98 -7.86 7.13 -1.08
N PRO A 99 -7.72 7.00 -2.38
CA PRO A 99 -8.51 7.98 -3.16
C PRO A 99 -10.04 7.72 -3.06
N PRO A 100 -10.86 8.76 -3.29
CA PRO A 100 -12.29 8.60 -3.18
C PRO A 100 -12.84 7.81 -4.34
N ASP A 101 -13.95 7.13 -4.09
CA ASP A 101 -14.62 6.33 -5.07
C ASP A 101 -13.80 5.11 -5.50
N THR A 102 -13.02 4.59 -4.55
CA THR A 102 -12.25 3.36 -4.71
C THR A 102 -12.53 2.51 -3.44
N PRO A 103 -12.21 1.19 -3.46
CA PRO A 103 -12.26 0.38 -2.22
C PRO A 103 -11.38 0.88 -1.06
N TYR A 104 -10.40 1.72 -1.38
CA TYR A 104 -9.43 2.24 -0.41
C TYR A 104 -9.86 3.54 0.30
N GLU A 105 -10.96 4.14 -0.15
CA GLU A 105 -11.46 5.39 0.44
CA GLU A 105 -11.52 5.37 0.44
C GLU A 105 -11.67 5.24 1.95
N GLY A 106 -11.20 6.23 2.70
CA GLY A 106 -11.29 6.23 4.14
C GLY A 106 -10.06 5.62 4.77
N GLY A 107 -9.29 4.87 3.98
CA GLY A 107 -8.08 4.28 4.53
C GLY A 107 -6.89 5.22 4.49
N ARG A 108 -5.89 4.93 5.33
CA ARG A 108 -4.61 5.62 5.35
C ARG A 108 -3.51 4.56 5.31
N TYR A 109 -2.55 4.70 4.38
CA TYR A 109 -1.55 3.69 4.05
C TYR A 109 -0.19 4.25 4.31
N GLN A 110 0.50 3.59 5.21
CA GLN A 110 1.86 3.93 5.55
C GLN A 110 2.83 3.24 4.63
N LEU A 111 3.88 4.01 4.35
CA LEU A 111 4.97 3.67 3.41
C LEU A 111 6.33 3.82 4.02
N GLU A 112 7.18 2.88 3.68
CA GLU A 112 8.60 2.88 4.04
C GLU A 112 9.36 3.40 2.84
N ILE A 113 10.07 4.49 3.02
CA ILE A 113 10.77 5.15 1.95
C ILE A 113 12.24 5.14 2.34
N LYS A 114 13.04 4.50 1.55
CA LYS A 114 14.49 4.55 1.75
C LYS A 114 15.18 5.35 0.65
N ILE A 115 15.97 6.32 1.04
CA ILE A 115 16.59 7.20 0.02
C ILE A 115 17.96 6.63 -0.30
N PRO A 116 18.27 6.41 -1.59
CA PRO A 116 19.59 5.94 -2.03
C PRO A 116 20.67 7.03 -2.00
N GLU A 117 21.92 6.60 -1.83
CA GLU A 117 23.10 7.46 -1.82
C GLU A 117 23.21 8.26 -3.15
N THR A 118 22.67 7.69 -4.21
CA THR A 118 22.67 8.25 -5.52
C THR A 118 21.50 9.24 -5.82
N TYR A 119 20.70 9.60 -4.80
CA TYR A 119 19.58 10.48 -5.02
C TYR A 119 20.11 11.82 -5.43
N PRO A 120 19.43 12.51 -6.35
CA PRO A 120 18.17 12.31 -7.05
C PRO A 120 18.18 11.52 -8.37
N PHE A 121 19.26 10.81 -8.64
CA PHE A 121 19.43 10.19 -9.93
C PHE A 121 18.95 8.76 -9.95
N ASN A 122 18.58 8.22 -8.79
CA ASN A 122 17.87 6.98 -8.67
C ASN A 122 16.68 7.19 -7.74
N PRO A 123 15.65 6.39 -7.94
CA PRO A 123 14.42 6.56 -7.17
C PRO A 123 14.55 6.16 -5.73
N PRO A 124 13.65 6.64 -4.91
CA PRO A 124 13.60 6.05 -3.60
C PRO A 124 13.08 4.60 -3.64
N LYS A 125 13.51 3.81 -2.66
CA LYS A 125 12.95 2.47 -2.48
C LYS A 125 11.74 2.58 -1.58
N VAL A 126 10.59 2.19 -2.13
CA VAL A 126 9.34 2.43 -1.45
C VAL A 126 8.60 1.15 -1.30
N ARG A 127 8.02 0.97 -0.12
CA ARG A 127 7.22 -0.23 0.14
C ARG A 127 6.06 0.17 1.02
N PHE A 128 4.88 -0.41 0.77
CA PHE A 128 3.75 -0.32 1.68
C PHE A 128 3.96 -1.13 3.00
N ILE A 129 3.89 -0.42 4.12
CA ILE A 129 3.97 -1.01 5.44
C ILE A 129 2.52 -1.51 5.76
N THR A 130 1.50 -0.72 5.45
CA THR A 130 0.11 -1.07 5.64
C THR A 130 -0.25 -2.06 4.60
N LYS A 131 -0.87 -3.16 5.05
CA LYS A 131 -1.29 -4.20 4.13
C LYS A 131 -2.42 -3.71 3.25
N ILE A 132 -2.38 -4.15 1.99
CA ILE A 132 -3.26 -3.70 0.96
C ILE A 132 -3.51 -4.76 -0.06
N TRP A 133 -4.76 -4.80 -0.57
CA TRP A 133 -5.16 -5.71 -1.64
C TRP A 133 -5.29 -4.98 -2.97
N HIS A 134 -4.29 -5.12 -3.83
CA HIS A 134 -4.18 -4.38 -5.09
C HIS A 134 -3.29 -5.17 -6.08
N PRO A 135 -3.68 -5.24 -7.36
CA PRO A 135 -2.90 -5.96 -8.34
C PRO A 135 -1.40 -5.58 -8.51
N ASN A 136 -1.03 -4.33 -8.21
CA ASN A 136 0.36 -3.86 -8.41
C ASN A 136 1.14 -3.67 -7.11
N ILE A 137 0.61 -4.23 -6.03
CA ILE A 137 1.26 -4.21 -4.77
C ILE A 137 1.25 -5.64 -4.21
N SER A 138 2.36 -6.12 -3.66
CA SER A 138 2.34 -7.45 -3.03
C SER A 138 1.53 -7.46 -1.73
N SER A 139 0.51 -8.34 -1.69
CA SER A 139 -0.29 -8.55 -0.45
C SER A 139 0.60 -9.07 0.68
N VAL A 140 1.77 -9.62 0.35
CA VAL A 140 2.67 -10.18 1.33
C VAL A 140 3.76 -9.22 1.81
N THR A 141 4.53 -8.63 0.86
CA THR A 141 5.67 -7.78 1.20
C THR A 141 5.39 -6.24 1.18
N GLY A 142 4.30 -5.78 0.56
CA GLY A 142 4.13 -4.36 0.27
C GLY A 142 4.95 -3.85 -0.90
N ALA A 143 5.69 -4.74 -1.58
CA ALA A 143 6.53 -4.35 -2.74
C ALA A 143 5.63 -3.73 -3.81
N ILE A 144 6.10 -2.71 -4.56
CA ILE A 144 5.23 -1.91 -5.45
C ILE A 144 5.71 -2.05 -6.89
N CYS A 145 4.81 -2.35 -7.81
CA CYS A 145 5.07 -2.35 -9.23
C CYS A 145 4.58 -1.01 -9.84
N LEU A 146 5.53 -0.08 -10.03
CA LEU A 146 5.25 1.29 -10.56
C LEU A 146 6.50 1.76 -11.30
N ASP A 147 6.32 2.22 -12.52
CA ASP A 147 7.45 2.45 -13.46
C ASP A 147 8.38 3.55 -12.94
N ILE A 148 7.85 4.56 -12.22
CA ILE A 148 8.68 5.63 -11.64
C ILE A 148 9.65 5.15 -10.54
N LEU A 149 9.33 4.01 -9.96
CA LEU A 149 10.18 3.41 -8.95
C LEU A 149 11.15 2.41 -9.56
N LYS A 150 11.03 2.17 -10.85
CA LYS A 150 11.88 1.20 -11.60
C LYS A 150 12.58 1.98 -12.72
N ASP A 151 12.09 1.90 -13.97
CA ASP A 151 12.83 2.38 -15.11
C ASP A 151 12.42 3.79 -15.55
N GLN A 152 11.37 4.38 -14.99
CA GLN A 152 10.94 5.67 -15.46
C GLN A 152 11.15 6.81 -14.49
N TRP A 153 11.99 6.59 -13.52
CA TRP A 153 12.39 7.64 -12.64
C TRP A 153 13.08 8.75 -13.46
N ALA A 154 12.88 9.99 -13.03
CA ALA A 154 13.49 11.21 -13.57
C ALA A 154 13.92 12.01 -12.37
N ALA A 155 15.03 12.72 -12.53
CA ALA A 155 15.66 13.41 -11.42
C ALA A 155 14.82 14.57 -10.97
N ALA A 156 13.96 15.10 -11.84
CA ALA A 156 12.98 16.17 -11.43
C ALA A 156 11.84 15.68 -10.51
N MET A 157 11.64 14.39 -10.34
CA MET A 157 10.59 13.92 -9.45
C MET A 157 10.98 14.11 -7.98
N THR A 158 9.94 14.16 -7.12
CA THR A 158 10.07 14.53 -5.72
C THR A 158 9.30 13.55 -4.79
N LEU A 159 9.58 13.59 -3.51
CA LEU A 159 8.84 12.86 -2.53
C LEU A 159 7.32 13.08 -2.75
N ARG A 160 6.95 14.34 -2.97
CA ARG A 160 5.51 14.73 -3.19
C ARG A 160 4.98 14.03 -4.41
N THR A 161 5.69 14.07 -5.52
CA THR A 161 5.14 13.42 -6.71
C THR A 161 5.12 11.93 -6.64
N VAL A 162 6.01 11.29 -5.88
CA VAL A 162 5.93 9.89 -5.67
C VAL A 162 4.71 9.50 -4.82
N LEU A 163 4.40 10.22 -3.73
CA LEU A 163 3.24 9.95 -2.94
C LEU A 163 1.99 10.13 -3.76
N LEU A 164 1.94 11.22 -4.53
CA LEU A 164 0.79 11.49 -5.37
C LEU A 164 0.62 10.48 -6.44
N SER A 165 1.72 9.92 -6.93
CA SER A 165 1.64 8.90 -7.96
C SER A 165 1.14 7.54 -7.38
N LEU A 166 1.49 7.28 -6.13
CA LEU A 166 1.03 6.06 -5.49
C LEU A 166 -0.49 6.11 -5.20
N GLN A 167 -1.01 7.27 -4.80
CA GLN A 167 -2.42 7.48 -4.65
C GLN A 167 -3.10 7.33 -6.00
N ALA A 168 -2.54 7.86 -7.08
CA ALA A 168 -3.14 7.62 -8.37
C ALA A 168 -3.11 6.13 -8.76
N LEU A 169 -2.06 5.42 -8.41
CA LEU A 169 -2.02 3.98 -8.66
C LEU A 169 -3.19 3.19 -7.94
N LEU A 170 -3.57 3.59 -6.73
CA LEU A 170 -4.66 2.99 -5.99
C LEU A 170 -5.95 3.19 -6.74
N ALA A 171 -6.03 4.26 -7.53
CA ALA A 171 -7.25 4.64 -8.23
C ALA A 171 -7.26 4.10 -9.67
N ALA A 172 -6.15 3.53 -10.15
CA ALA A 172 -6.04 2.98 -11.47
C ALA A 172 -5.06 1.78 -11.53
N ALA A 173 -5.50 0.60 -11.12
CA ALA A 173 -4.61 -0.58 -11.14
C ALA A 173 -4.38 -1.02 -12.58
N GLU A 174 -3.24 -1.66 -12.82
CA GLU A 174 -2.95 -2.25 -14.10
C GLU A 174 -2.72 -3.78 -13.91
N PRO A 175 -3.81 -4.56 -14.01
CA PRO A 175 -3.82 -6.00 -13.72
C PRO A 175 -3.09 -6.88 -14.74
N ASP A 176 -2.89 -6.35 -15.95
CA ASP A 176 -2.16 -7.09 -16.97
C ASP A 176 -0.63 -6.93 -16.87
N ASP A 177 -0.14 -6.11 -15.93
CA ASP A 177 1.28 -6.15 -15.52
C ASP A 177 1.39 -6.18 -13.96
N PRO A 178 1.10 -7.35 -13.35
CA PRO A 178 0.81 -7.30 -11.93
C PRO A 178 2.02 -7.51 -11.04
N GLN A 179 1.92 -7.10 -9.79
CA GLN A 179 2.89 -7.47 -8.78
C GLN A 179 2.41 -8.74 -8.04
N ASP A 180 1.09 -8.81 -7.82
CA ASP A 180 0.45 -9.91 -7.13
C ASP A 180 -0.56 -10.64 -8.05
N ALA A 181 -0.18 -11.83 -8.53
CA ALA A 181 -0.95 -12.59 -9.55
C ALA A 181 -2.29 -13.07 -9.04
N VAL A 182 -2.31 -13.49 -7.78
CA VAL A 182 -3.57 -13.89 -7.18
C VAL A 182 -4.50 -12.67 -7.14
N VAL A 183 -4.04 -11.51 -6.68
CA VAL A 183 -4.96 -10.34 -6.64
C VAL A 183 -5.46 -9.93 -8.03
N ALA A 184 -4.52 -9.90 -8.96
CA ALA A 184 -4.74 -9.52 -10.36
C ALA A 184 -5.75 -10.47 -11.06
N ASN A 185 -5.62 -11.76 -10.79
CA ASN A 185 -6.61 -12.73 -11.26
C ASN A 185 -7.99 -12.45 -10.72
N GLN A 186 -8.11 -12.23 -9.42
CA GLN A 186 -9.42 -11.89 -8.84
C GLN A 186 -10.02 -10.59 -9.42
N TYR A 187 -9.19 -9.57 -9.60
CA TYR A 187 -9.55 -8.28 -10.26
C TYR A 187 -10.19 -8.52 -11.67
N LYS A 188 -9.55 -9.37 -12.46
CA LYS A 188 -10.07 -9.68 -13.79
C LYS A 188 -11.26 -10.67 -13.73
N GLN A 189 -11.14 -11.74 -12.96
CA GLN A 189 -12.12 -12.80 -13.04
C GLN A 189 -13.40 -12.54 -12.24
N ASN A 190 -13.33 -11.73 -11.18
CA ASN A 190 -14.49 -11.39 -10.32
C ASN A 190 -14.33 -10.00 -9.73
N PRO A 191 -14.59 -8.94 -10.55
CA PRO A 191 -14.36 -7.55 -10.13
C PRO A 191 -15.08 -7.15 -8.84
N GLU A 192 -16.30 -7.64 -8.66
CA GLU A 192 -17.06 -7.28 -7.47
C GLU A 192 -16.50 -7.96 -6.24
N MET A 193 -15.96 -9.17 -6.38
CA MET A 193 -15.30 -9.82 -5.26
C MET A 193 -13.99 -9.08 -4.88
N PHE A 194 -13.25 -8.65 -5.90
CA PHE A 194 -12.05 -7.86 -5.70
C PHE A 194 -12.36 -6.56 -4.90
N LYS A 195 -13.39 -5.87 -5.32
CA LYS A 195 -13.86 -4.63 -4.71
C LYS A 195 -14.15 -4.86 -3.23
N GLN A 196 -14.80 -5.99 -2.91
CA GLN A 196 -15.21 -6.22 -1.52
C GLN A 196 -14.05 -6.65 -0.67
N THR A 197 -13.18 -7.46 -1.26
CA THR A 197 -11.89 -7.81 -0.59
C THR A 197 -10.99 -6.58 -0.31
N ALA A 198 -10.73 -5.76 -1.34
CA ALA A 198 -9.92 -4.51 -1.12
C ALA A 198 -10.49 -3.66 0.00
N ARG A 199 -11.80 -3.51 -0.03
CA ARG A 199 -12.51 -2.72 1.00
C ARG A 199 -12.40 -3.30 2.43
N LEU A 200 -12.48 -4.62 2.52
CA LEU A 200 -12.30 -5.33 3.77
C LEU A 200 -10.87 -5.17 4.30
N TRP A 201 -9.86 -5.35 3.42
CA TRP A 201 -8.47 -4.95 3.79
C TRP A 201 -8.28 -3.51 4.17
N ALA A 202 -8.95 -2.59 3.50
CA ALA A 202 -8.88 -1.19 3.87
C ALA A 202 -9.41 -0.97 5.27
N HIS A 203 -10.53 -1.64 5.58
CA HIS A 203 -11.16 -1.55 6.87
C HIS A 203 -10.30 -2.14 7.94
N VAL A 204 -9.86 -3.38 7.73
CA VAL A 204 -9.07 -4.03 8.78
C VAL A 204 -7.66 -3.44 9.00
N TYR A 205 -6.94 -3.09 7.93
CA TYR A 205 -5.54 -2.65 8.08
C TYR A 205 -5.25 -1.17 8.00
N ALA A 206 -6.11 -0.45 7.29
CA ALA A 206 -5.99 0.97 6.93
C ALA A 206 -7.00 1.90 7.59
N GLY A 207 -7.94 1.33 8.35
CA GLY A 207 -8.85 2.12 9.18
C GLY A 207 -9.98 2.70 8.39
N ALA A 208 -10.29 2.11 7.24
CA ALA A 208 -11.44 2.56 6.47
C ALA A 208 -12.74 2.10 7.18
N PRO A 209 -13.87 2.78 6.91
CA PRO A 209 -15.07 2.53 7.74
C PRO A 209 -15.78 1.17 7.61
N VAL A 210 -16.05 0.74 6.38
CA VAL A 210 -17.00 -0.36 6.19
C VAL A 210 -16.37 -1.55 5.46
N SER A 211 -17.04 -2.69 5.53
CA SER A 211 -16.68 -3.87 4.74
C SER A 211 -17.84 -4.86 4.75
N SER A 212 -17.76 -5.93 3.97
CA SER A 212 -18.85 -6.93 3.92
C SER A 212 -19.05 -7.53 5.32
N PRO A 213 -20.30 -7.47 5.84
CA PRO A 213 -20.80 -8.38 6.88
C PRO A 213 -20.58 -9.88 6.59
N GLU A 214 -20.80 -10.31 5.36
CA GLU A 214 -20.53 -11.71 4.99
C GLU A 214 -19.09 -12.10 5.34
N TYR A 215 -18.16 -11.30 4.81
CA TYR A 215 -16.73 -11.52 4.94
C TYR A 215 -16.30 -11.44 6.35
N THR A 216 -16.70 -10.40 7.04
CA THR A 216 -16.38 -10.25 8.44
C THR A 216 -16.78 -11.50 9.27
N LYS A 217 -17.90 -12.13 8.92
CA LYS A 217 -18.37 -13.29 9.68
C LYS A 217 -17.49 -14.51 9.41
N LYS A 218 -17.12 -14.73 8.15
CA LYS A 218 -16.14 -15.75 7.84
C LYS A 218 -14.82 -15.59 8.56
N ILE A 219 -14.33 -14.36 8.67
CA ILE A 219 -13.10 -14.15 9.40
C ILE A 219 -13.29 -14.50 10.86
N GLU A 220 -14.38 -14.02 11.48
CA GLU A 220 -14.59 -14.24 12.91
C GLU A 220 -14.81 -15.74 13.21
N ASN A 221 -15.40 -16.48 12.28
CA ASN A 221 -15.59 -17.96 12.39
C ASN A 221 -14.25 -18.64 12.43
N LEU A 222 -13.36 -18.32 11.50
CA LEU A 222 -12.06 -18.98 11.45
C LEU A 222 -11.09 -18.58 12.54
N CYS A 223 -11.18 -17.33 12.99
CA CYS A 223 -10.42 -16.84 14.14
C CYS A 223 -10.88 -17.42 15.45
N ALA A 224 -12.19 -17.47 15.66
CA ALA A 224 -12.72 -18.26 16.80
C ALA A 224 -12.34 -19.77 16.76
N ALA A 225 -12.19 -20.39 15.58
CA ALA A 225 -11.63 -21.73 15.41
C ALA A 225 -10.14 -21.87 15.72
N GLY A 226 -9.50 -20.76 16.01
CA GLY A 226 -8.14 -20.76 16.58
C GLY A 226 -7.01 -20.36 15.64
N PHE A 227 -7.36 -19.94 14.44
CA PHE A 227 -6.34 -19.50 13.48
C PHE A 227 -5.95 -18.02 13.65
N ASP A 228 -4.70 -17.71 13.30
CA ASP A 228 -4.18 -16.31 13.28
C ASP A 228 -5.04 -15.41 12.35
N ARG A 229 -5.52 -14.27 12.86
CA ARG A 229 -6.40 -13.41 12.08
CA ARG A 229 -6.40 -13.42 12.08
C ARG A 229 -5.86 -13.03 10.69
N ASN A 230 -4.55 -12.70 10.60
CA ASN A 230 -3.95 -12.33 9.30
C ASN A 230 -3.82 -13.49 8.38
N ALA A 231 -3.47 -14.66 8.90
CA ALA A 231 -3.45 -15.85 8.09
C ALA A 231 -4.87 -16.12 7.52
N VAL A 232 -5.90 -15.90 8.34
CA VAL A 232 -7.30 -16.12 7.88
C VAL A 232 -7.72 -15.17 6.73
N ILE A 233 -7.43 -13.87 6.90
CA ILE A 233 -7.75 -12.83 5.87
C ILE A 233 -7.08 -13.18 4.59
N VAL A 234 -5.83 -13.61 4.66
CA VAL A 234 -5.08 -14.02 3.48
C VAL A 234 -5.60 -15.30 2.87
N ALA A 235 -5.83 -16.33 3.70
CA ALA A 235 -6.40 -17.56 3.16
C ALA A 235 -7.74 -17.31 2.49
N LEU A 236 -8.65 -16.65 3.18
CA LEU A 236 -10.00 -16.41 2.65
C LEU A 236 -9.93 -15.54 1.42
N SER A 237 -9.15 -14.43 1.47
CA SER A 237 -9.01 -13.55 0.26
C SER A 237 -8.43 -14.28 -0.95
N SER A 238 -7.39 -15.09 -0.77
CA SER A 238 -6.81 -15.87 -1.85
C SER A 238 -7.66 -17.01 -2.39
N LYS A 239 -8.58 -17.54 -1.56
CA LYS A 239 -9.41 -18.67 -1.99
C LYS A 239 -10.86 -18.28 -2.29
N SER A 240 -11.07 -17.08 -2.82
CA SER A 240 -12.39 -16.65 -3.25
C SER A 240 -13.41 -16.72 -2.12
N TRP A 241 -12.97 -16.62 -0.88
CA TRP A 241 -13.88 -16.56 0.27
C TRP A 241 -14.61 -17.90 0.62
N ASP A 242 -14.02 -19.00 0.16
CA ASP A 242 -14.48 -20.36 0.32
C ASP A 242 -13.95 -20.92 1.61
N VAL A 243 -14.81 -21.07 2.61
CA VAL A 243 -14.32 -21.51 3.92
C VAL A 243 -13.52 -22.82 3.91
N GLU A 244 -13.91 -23.74 3.04
CA GLU A 244 -13.34 -25.10 3.01
C GLU A 244 -11.95 -25.10 2.45
N THR A 245 -11.75 -24.50 1.29
CA THR A 245 -10.37 -24.50 0.75
C THR A 245 -9.48 -23.48 1.46
N ALA A 246 -10.09 -22.43 2.01
CA ALA A 246 -9.39 -21.51 2.91
C ALA A 246 -8.90 -22.26 4.11
N THR A 247 -9.81 -23.06 4.70
CA THR A 247 -9.47 -23.83 5.89
C THR A 247 -8.42 -24.88 5.57
N GLU A 248 -8.60 -25.59 4.46
CA GLU A 248 -7.58 -26.54 4.00
C GLU A 248 -6.18 -25.93 3.83
N LEU A 249 -6.10 -24.73 3.26
CA LEU A 249 -4.84 -23.97 3.20
C LEU A 249 -4.28 -23.62 4.56
N LEU A 250 -5.15 -23.16 5.46
CA LEU A 250 -4.75 -22.86 6.84
C LEU A 250 -4.25 -24.10 7.61
N LEU A 251 -4.85 -25.27 7.37
CA LEU A 251 -4.45 -26.51 8.06
C LEU A 251 -3.13 -27.11 7.53
N SER A 252 -2.57 -26.56 6.44
CA SER A 252 -1.29 -27.01 5.90
CA SER A 252 -1.29 -27.02 5.91
C SER A 252 -0.08 -26.28 6.51
N ASN A 253 -0.31 -25.27 7.36
CA ASN A 253 0.79 -24.62 8.13
C ASN A 253 1.17 -25.46 9.37
#